data_4MB3
#
_entry.id   4MB3
#
_cell.length_a   67.657
_cell.length_b   67.657
_cell.length_c   255.643
_cell.angle_alpha   90.000
_cell.angle_beta   90.000
_cell.angle_gamma   120.000
#
_symmetry.space_group_name_H-M   'P 31 1 2'
#
loop_
_entity.id
_entity.type
_entity.pdbx_description
1 polymer 'Chitinase 60'
2 non-polymer 'SODIUM ION'
3 non-polymer GLYCINE
4 non-polymer (4S)-2-METHYL-2,4-PENTANEDIOL
5 non-polymer IMIDAZOLE
6 non-polymer 'CHLORIDE ION'
7 water water
#
_entity_poly.entity_id   1
_entity_poly.type   'polypeptide(L)'
_entity_poly.pdbx_seq_one_letter_code
;GTITSQDDNVVVGYWHNWCDGRGYQGGNAPCVELKTVNPQYNVVNISFMKVYDIAEGRIPTFKLDPTIALSEAEFIAQID
TLNSQGRSVLIALGGADAHIELTRGDEDALAAEIIRLTDLYGFDGLDIDLQQAAITAKDNQFVIPAALKMVKEHYRKTGD
NFMITMAPEFPYLTANGAYTPYLTELDGYYDFINPQFYNQGGDGLWIEGVGWIAQNNDALKEEFIYYIADSLINGTRNYH
KIPHDKLVFGLPSNIDAAATGYIQDPQDLYKAFDRLKAQGQPLRGVMTWSVNWDMGTDAANNSYNQQFIKDYGNFIHNQL
PPVTDMTPTLSGIVDTRVELDSHFDPLIGITAKDYQGNDITADVTVSGSVNTNQVGDYLLTYSVSSDDETTNQPRKITVY
EILPAFTGITDTTVVIDSEFDPMQGVSASHPTQGDLTANITVTGEVDTNVVGVYELTYQLFYGQDNQQNMTDKRIVTVVT
DAVSDDDWQVGSTYVKDDKVTHNGATWTAQWWTKGEEPGTTGEWGVWR
;
_entity_poly.pdbx_strand_id   A
#
loop_
_chem_comp.id
_chem_comp.type
_chem_comp.name
_chem_comp.formula
CL non-polymer 'CHLORIDE ION' 'Cl -1'
IMD non-polymer IMIDAZOLE 'C3 H5 N2 1'
MPD non-polymer (4S)-2-METHYL-2,4-PENTANEDIOL 'C6 H14 O2'
NA non-polymer 'SODIUM ION' 'Na 1'
#
# COMPACT_ATOMS: atom_id res chain seq x y z
N GLY A 1 -36.63 16.11 -10.40
CA GLY A 1 -35.88 16.39 -11.61
C GLY A 1 -35.09 15.19 -12.16
N THR A 2 -34.28 15.41 -13.18
CA THR A 2 -33.63 14.27 -13.83
C THR A 2 -32.19 14.22 -13.30
N ILE A 3 -31.52 13.10 -13.62
CA ILE A 3 -30.07 12.97 -13.29
C ILE A 3 -29.25 14.00 -14.03
N THR A 4 -28.72 14.90 -13.24
CA THR A 4 -28.10 16.12 -13.71
C THR A 4 -26.61 16.07 -13.38
N SER A 5 -25.80 16.00 -14.43
CA SER A 5 -24.32 15.95 -14.33
CA SER A 5 -24.34 15.97 -14.26
C SER A 5 -23.67 17.26 -14.71
N GLN A 6 -22.38 17.39 -14.37
CA GLN A 6 -21.66 18.61 -14.66
C GLN A 6 -20.61 18.37 -15.72
N ASP A 7 -20.73 19.11 -16.82
CA ASP A 7 -19.85 18.95 -17.94
C ASP A 7 -18.60 19.79 -17.72
N ASP A 8 -18.71 20.88 -16.95
CA ASP A 8 -17.63 21.84 -16.88
C ASP A 8 -17.02 21.84 -15.48
N ASN A 9 -16.29 22.90 -15.14
CA ASN A 9 -15.66 22.96 -13.83
C ASN A 9 -16.69 22.91 -12.74
N VAL A 10 -16.26 22.46 -11.57
CA VAL A 10 -17.13 22.33 -10.42
C VAL A 10 -16.60 23.10 -9.26
N VAL A 11 -17.50 23.66 -8.46
CA VAL A 11 -17.29 24.07 -7.11
C VAL A 11 -18.22 23.24 -6.23
N VAL A 12 -17.62 22.28 -5.55
CA VAL A 12 -18.34 21.29 -4.78
C VAL A 12 -18.43 21.71 -3.32
N GLY A 13 -19.64 21.66 -2.75
CA GLY A 13 -19.83 21.99 -1.37
C GLY A 13 -20.64 20.95 -0.63
N TYR A 14 -20.12 20.48 0.48
CA TYR A 14 -20.87 19.52 1.31
C TYR A 14 -21.92 20.20 2.12
N TRP A 15 -23.02 19.48 2.35
CA TRP A 15 -24.16 20.00 3.06
C TRP A 15 -24.43 19.07 4.25
N HIS A 16 -24.43 19.66 5.44
CA HIS A 16 -24.57 18.91 6.68
C HIS A 16 -26.02 18.43 6.91
N ASN A 17 -26.24 17.12 7.06
CA ASN A 17 -27.53 16.61 7.52
C ASN A 17 -27.63 16.70 9.04
N TRP A 18 -27.30 17.88 9.60
CA TRP A 18 -27.44 18.14 11.03
C TRP A 18 -27.31 19.63 11.29
N CYS A 19 -27.64 20.03 12.52
CA CYS A 19 -27.68 21.43 12.90
C CYS A 19 -26.62 21.75 13.96
N ASP A 20 -26.09 22.97 13.93
CA ASP A 20 -25.25 23.52 15.01
C ASP A 20 -24.07 22.67 15.28
N GLY A 21 -23.35 22.39 14.21
CA GLY A 21 -22.04 21.78 14.34
C GLY A 21 -21.03 22.70 15.02
N ARG A 22 -20.19 22.13 15.90
CA ARG A 22 -19.18 22.89 16.62
C ARG A 22 -17.89 22.98 15.80
N GLY A 23 -17.33 24.17 15.70
CA GLY A 23 -16.11 24.42 14.94
C GLY A 23 -14.79 24.05 15.65
N TYR A 24 -13.76 23.86 14.86
CA TYR A 24 -12.43 23.60 15.39
C TYR A 24 -11.89 24.76 16.18
N GLN A 25 -12.46 25.95 15.92
CA GLN A 25 -12.11 27.17 16.65
C GLN A 25 -13.29 27.77 17.39
N GLY A 26 -14.24 26.91 17.73
CA GLY A 26 -15.33 27.28 18.61
C GLY A 26 -16.52 27.98 17.94
N GLY A 27 -16.53 28.04 16.62
CA GLY A 27 -17.62 28.64 15.86
C GLY A 27 -18.78 27.66 15.77
N ASN A 28 -19.77 28.01 14.95
CA ASN A 28 -20.98 27.24 14.83
C ASN A 28 -21.40 27.16 13.37
N ALA A 29 -21.81 25.96 12.94
CA ALA A 29 -22.34 25.73 11.60
C ALA A 29 -23.82 25.37 11.65
N PRO A 30 -24.66 26.31 11.27
CA PRO A 30 -26.08 26.05 11.36
C PRO A 30 -26.48 25.03 10.27
N CYS A 31 -27.57 24.32 10.49
CA CYS A 31 -28.18 23.66 9.34
C CYS A 31 -28.77 24.74 8.46
N VAL A 32 -28.76 24.48 7.15
CA VAL A 32 -29.35 25.40 6.17
C VAL A 32 -30.23 24.65 5.19
N GLU A 33 -31.25 25.31 4.67
CA GLU A 33 -32.00 24.67 3.62
C GLU A 33 -31.21 24.71 2.33
N LEU A 34 -31.41 23.69 1.50
CA LEU A 34 -30.71 23.59 0.20
C LEU A 34 -30.93 24.82 -0.65
N LYS A 35 -32.12 25.40 -0.55
CA LYS A 35 -32.44 26.53 -1.38
C LYS A 35 -31.66 27.79 -1.04
N THR A 36 -30.93 27.81 0.08
CA THR A 36 -30.18 28.99 0.47
C THR A 36 -28.70 28.87 0.01
N VAL A 37 -28.33 27.73 -0.53
CA VAL A 37 -26.90 27.49 -0.85
C VAL A 37 -26.60 28.32 -2.11
N ASN A 38 -25.47 29.03 -2.07
CA ASN A 38 -25.08 29.89 -3.18
C ASN A 38 -25.13 29.14 -4.49
N PRO A 39 -25.72 29.75 -5.53
CA PRO A 39 -25.74 29.13 -6.88
C PRO A 39 -24.40 28.63 -7.42
N GLN A 40 -23.29 29.25 -7.00
CA GLN A 40 -22.00 28.93 -7.55
C GLN A 40 -21.49 27.59 -7.05
N TYR A 41 -22.11 27.03 -6.04
CA TYR A 41 -21.88 25.66 -5.67
C TYR A 41 -22.75 24.81 -6.57
N ASN A 42 -22.16 24.31 -7.63
CA ASN A 42 -22.86 23.55 -8.64
C ASN A 42 -22.94 22.04 -8.45
N VAL A 43 -22.27 21.60 -7.39
CA VAL A 43 -22.37 20.27 -6.89
C VAL A 43 -22.50 20.37 -5.38
N VAL A 44 -23.60 19.86 -4.84
CA VAL A 44 -23.88 19.91 -3.40
C VAL A 44 -24.00 18.49 -2.87
N ASN A 45 -23.13 18.13 -1.88
CA ASN A 45 -23.08 16.77 -1.42
C ASN A 45 -23.75 16.57 -0.07
N ILE A 46 -24.83 15.79 -0.08
CA ILE A 46 -25.63 15.53 1.13
C ILE A 46 -24.84 14.62 2.06
N SER A 47 -24.63 15.07 3.28
CA SER A 47 -23.70 14.37 4.17
C SER A 47 -24.44 13.89 5.38
N PHE A 48 -24.55 12.61 5.65
CA PHE A 48 -23.88 11.49 5.00
C PHE A 48 -24.81 10.28 4.94
N MET A 49 -24.56 9.41 3.97
CA MET A 49 -25.12 8.08 3.92
C MET A 49 -24.19 7.12 4.70
N LYS A 50 -24.77 6.35 5.62
CA LYS A 50 -23.99 5.62 6.62
C LYS A 50 -24.85 4.53 7.27
N VAL A 51 -24.24 3.68 8.08
CA VAL A 51 -25.03 2.82 8.95
C VAL A 51 -25.41 3.54 10.25
N TYR A 52 -26.69 3.65 10.50
CA TYR A 52 -27.20 4.31 11.68
C TYR A 52 -27.29 3.36 12.86
N ASP A 53 -27.56 2.09 12.57
CA ASP A 53 -27.73 1.11 13.65
C ASP A 53 -27.51 -0.29 13.11
N ILE A 54 -26.53 -0.98 13.71
CA ILE A 54 -26.11 -2.30 13.26
C ILE A 54 -27.34 -3.22 13.23
N ALA A 55 -28.31 -2.93 14.08
CA ALA A 55 -29.50 -3.72 14.14
C ALA A 55 -30.35 -3.69 12.84
N GLU A 56 -30.13 -2.68 11.97
CA GLU A 56 -30.83 -2.53 10.69
C GLU A 56 -30.16 -3.24 9.54
N GLY A 57 -29.08 -3.95 9.83
CA GLY A 57 -28.31 -4.61 8.79
C GLY A 57 -27.06 -3.87 8.34
N ARG A 58 -26.34 -4.46 7.41
CA ARG A 58 -25.03 -3.94 7.03
C ARG A 58 -25.09 -2.82 5.97
N ILE A 59 -26.22 -2.69 5.26
CA ILE A 59 -26.30 -1.77 4.16
C ILE A 59 -26.54 -0.35 4.66
N PRO A 60 -25.65 0.57 4.32
CA PRO A 60 -25.86 1.95 4.78
C PRO A 60 -27.03 2.58 4.00
N THR A 61 -27.52 3.68 4.55
CA THR A 61 -28.71 4.36 4.05
C THR A 61 -28.63 5.85 4.42
N PHE A 62 -29.64 6.60 4.04
CA PHE A 62 -29.73 8.03 4.34
C PHE A 62 -31.08 8.37 5.00
N LYS A 63 -31.00 9.03 6.15
CA LYS A 63 -32.12 9.43 6.95
C LYS A 63 -32.04 10.93 7.23
N LEU A 64 -32.94 11.68 6.59
CA LEU A 64 -32.89 13.11 6.70
C LEU A 64 -33.13 13.50 8.15
N ASP A 65 -32.43 14.49 8.66
CA ASP A 65 -32.66 14.98 10.02
C ASP A 65 -33.84 16.00 10.00
N PRO A 66 -34.94 15.67 10.70
CA PRO A 66 -36.13 16.50 10.59
C PRO A 66 -35.97 17.86 11.20
N THR A 67 -34.92 18.06 11.99
CA THR A 67 -34.80 19.31 12.68
C THR A 67 -34.26 20.37 11.77
N ILE A 68 -33.87 19.98 10.58
CA ILE A 68 -33.52 20.97 9.54
C ILE A 68 -34.78 21.71 8.98
N ALA A 69 -35.92 21.20 9.37
CA ALA A 69 -37.24 21.79 9.12
C ALA A 69 -37.70 21.59 7.67
N LEU A 70 -37.16 20.57 7.03
CA LEU A 70 -37.63 20.11 5.74
C LEU A 70 -38.31 18.76 5.88
N SER A 71 -39.55 18.64 5.42
CA SER A 71 -40.15 17.32 5.30
C SER A 71 -39.43 16.56 4.23
N GLU A 72 -39.69 15.28 4.15
CA GLU A 72 -39.20 14.52 3.02
C GLU A 72 -39.57 15.12 1.67
N ALA A 73 -40.86 15.48 1.54
CA ALA A 73 -41.28 16.13 0.34
C ALA A 73 -40.64 17.45 -0.01
N GLU A 74 -40.45 18.33 0.97
CA GLU A 74 -39.77 19.60 0.76
CA GLU A 74 -39.76 19.61 0.71
C GLU A 74 -38.27 19.41 0.36
N PHE A 75 -37.60 18.47 1.02
CA PHE A 75 -36.22 18.15 0.67
C PHE A 75 -36.13 17.72 -0.79
N ILE A 76 -37.02 16.80 -1.19
CA ILE A 76 -37.14 16.38 -2.58
C ILE A 76 -37.38 17.58 -3.49
N ALA A 77 -38.33 18.44 -3.11
CA ALA A 77 -38.57 19.65 -3.91
C ALA A 77 -37.36 20.57 -4.05
N GLN A 78 -36.55 20.73 -2.99
CA GLN A 78 -35.38 21.59 -3.06
C GLN A 78 -34.28 21.02 -3.94
N ILE A 79 -34.14 19.71 -3.91
CA ILE A 79 -33.21 19.05 -4.84
C ILE A 79 -33.72 19.23 -6.29
N ASP A 80 -35.03 19.10 -6.51
CA ASP A 80 -35.56 19.30 -7.84
C ASP A 80 -35.28 20.77 -8.30
N THR A 81 -35.38 21.72 -7.39
CA THR A 81 -35.07 23.09 -7.73
C THR A 81 -33.62 23.24 -8.12
N LEU A 82 -32.73 22.65 -7.34
CA LEU A 82 -31.32 22.72 -7.78
C LEU A 82 -31.12 22.11 -9.13
N ASN A 83 -31.72 20.96 -9.39
CA ASN A 83 -31.56 20.33 -10.69
C ASN A 83 -32.14 21.21 -11.82
N SER A 84 -33.23 21.92 -11.53
CA SER A 84 -33.81 22.81 -12.56
C SER A 84 -32.86 23.91 -12.91
N GLN A 85 -31.92 24.23 -12.01
CA GLN A 85 -30.88 25.22 -12.20
C GLN A 85 -29.63 24.63 -12.83
N GLY A 86 -29.65 23.34 -13.15
CA GLY A 86 -28.52 22.69 -13.76
C GLY A 86 -27.45 22.27 -12.76
N ARG A 87 -27.81 22.23 -11.47
CA ARG A 87 -26.87 21.90 -10.38
C ARG A 87 -27.08 20.48 -9.95
N SER A 88 -26.02 19.84 -9.49
CA SER A 88 -26.04 18.44 -9.10
C SER A 88 -26.07 18.31 -7.57
N VAL A 89 -26.79 17.30 -7.09
CA VAL A 89 -26.90 16.96 -5.68
C VAL A 89 -26.50 15.48 -5.55
N LEU A 90 -25.34 15.26 -4.92
CA LEU A 90 -24.84 13.92 -4.65
C LEU A 90 -25.15 13.48 -3.25
N ILE A 91 -25.19 12.18 -3.08
CA ILE A 91 -25.21 11.59 -1.72
C ILE A 91 -23.78 11.19 -1.37
N ALA A 92 -23.28 11.71 -0.25
CA ALA A 92 -21.93 11.38 0.22
C ALA A 92 -21.97 10.18 1.16
N LEU A 93 -21.32 9.13 0.71
CA LEU A 93 -21.21 7.88 1.44
C LEU A 93 -19.99 7.91 2.37
N GLY A 94 -20.25 7.72 3.64
CA GLY A 94 -19.13 7.67 4.59
C GLY A 94 -19.24 8.79 5.63
N GLY A 95 -18.23 9.67 5.66
CA GLY A 95 -18.07 10.62 6.73
C GLY A 95 -17.50 9.97 7.98
N ALA A 96 -17.30 10.77 9.00
CA ALA A 96 -16.77 10.23 10.25
C ALA A 96 -17.72 9.21 10.90
N ASP A 97 -17.13 8.13 11.42
CA ASP A 97 -17.83 7.12 12.18
C ASP A 97 -19.04 6.62 11.42
N ALA A 98 -18.79 6.26 10.17
CA ALA A 98 -19.88 5.81 9.30
C ALA A 98 -20.33 4.38 9.64
N HIS A 99 -19.44 3.62 10.26
CA HIS A 99 -19.74 2.25 10.63
C HIS A 99 -20.13 1.29 9.52
N ILE A 100 -19.53 1.47 8.39
CA ILE A 100 -19.77 0.65 7.24
C ILE A 100 -18.82 -0.51 7.26
N GLU A 101 -19.37 -1.72 7.34
CA GLU A 101 -18.60 -2.98 7.41
C GLU A 101 -19.24 -4.03 6.48
N LEU A 102 -19.11 -3.84 5.19
CA LEU A 102 -19.80 -4.70 4.23
C LEU A 102 -19.05 -6.00 4.03
N THR A 103 -19.81 -7.06 3.76
CA THR A 103 -19.29 -8.38 3.44
C THR A 103 -19.56 -8.76 1.99
N ARG A 104 -18.62 -9.48 1.42
CA ARG A 104 -18.72 -9.99 0.07
C ARG A 104 -20.11 -10.59 -0.14
N GLY A 105 -20.75 -10.16 -1.20
CA GLY A 105 -22.11 -10.55 -1.50
C GLY A 105 -23.10 -9.44 -1.21
N ASP A 106 -22.70 -8.47 -0.41
CA ASP A 106 -23.56 -7.33 -0.08
C ASP A 106 -23.69 -6.30 -1.24
N GLU A 107 -22.92 -6.50 -2.31
CA GLU A 107 -22.91 -5.50 -3.36
C GLU A 107 -24.27 -5.36 -4.07
N ASP A 108 -25.03 -6.43 -4.18
CA ASP A 108 -26.32 -6.34 -4.84
C ASP A 108 -27.23 -5.46 -4.01
N ALA A 109 -27.27 -5.73 -2.71
CA ALA A 109 -28.15 -4.95 -1.85
C ALA A 109 -27.73 -3.49 -1.71
N LEU A 110 -26.41 -3.24 -1.64
CA LEU A 110 -25.96 -1.86 -1.61
C LEU A 110 -26.33 -1.12 -2.92
N ALA A 111 -26.17 -1.77 -4.05
CA ALA A 111 -26.55 -1.13 -5.34
C ALA A 111 -28.06 -0.81 -5.36
N ALA A 112 -28.84 -1.73 -4.83
CA ALA A 112 -30.30 -1.61 -4.83
C ALA A 112 -30.71 -0.44 -3.93
N GLU A 113 -30.00 -0.25 -2.80
CA GLU A 113 -30.32 0.85 -1.91
C GLU A 113 -29.83 2.18 -2.47
N ILE A 114 -28.68 2.20 -3.13
CA ILE A 114 -28.26 3.42 -3.80
C ILE A 114 -29.32 3.88 -4.84
N ILE A 115 -29.78 2.93 -5.63
CA ILE A 115 -30.81 3.19 -6.62
C ILE A 115 -32.08 3.67 -5.95
N ARG A 116 -32.54 2.96 -4.90
CA ARG A 116 -33.75 3.40 -4.20
C ARG A 116 -33.66 4.88 -3.73
N LEU A 117 -32.55 5.25 -3.10
CA LEU A 117 -32.40 6.59 -2.60
C LEU A 117 -32.30 7.59 -3.74
N THR A 118 -31.55 7.22 -4.80
CA THR A 118 -31.35 8.10 -5.93
C THR A 118 -32.69 8.41 -6.60
N ASP A 119 -33.48 7.38 -6.77
CA ASP A 119 -34.80 7.55 -7.45
C ASP A 119 -35.75 8.35 -6.58
N LEU A 120 -35.71 8.15 -5.29
CA LEU A 120 -36.65 8.81 -4.36
C LEU A 120 -36.31 10.27 -4.22
N TYR A 121 -35.00 10.57 -3.95
CA TYR A 121 -34.66 11.92 -3.59
C TYR A 121 -34.22 12.75 -4.77
N GLY A 122 -33.93 12.11 -5.88
CA GLY A 122 -33.47 12.83 -7.07
C GLY A 122 -31.98 13.11 -7.10
N PHE A 123 -31.23 12.36 -6.32
CA PHE A 123 -29.78 12.53 -6.35
C PHE A 123 -29.22 12.26 -7.75
N ASP A 124 -28.09 12.86 -8.04
CA ASP A 124 -27.44 12.76 -9.34
C ASP A 124 -26.20 11.87 -9.35
N GLY A 125 -25.89 11.29 -8.20
CA GLY A 125 -24.70 10.43 -8.09
C GLY A 125 -24.30 10.33 -6.63
N LEU A 126 -23.07 9.81 -6.42
CA LEU A 126 -22.63 9.46 -5.08
C LEU A 126 -21.13 9.76 -4.96
N ASP A 127 -20.80 10.29 -3.79
CA ASP A 127 -19.43 10.63 -3.47
C ASP A 127 -18.96 9.62 -2.48
N ILE A 128 -17.82 8.95 -2.78
CA ILE A 128 -17.18 8.06 -1.82
C ILE A 128 -16.26 8.85 -0.83
N ASP A 129 -16.75 9.03 0.38
CA ASP A 129 -16.12 9.82 1.42
C ASP A 129 -15.86 8.92 2.65
N LEU A 130 -15.31 7.74 2.36
CA LEU A 130 -14.89 6.82 3.40
C LEU A 130 -13.68 7.36 4.16
N GLN A 131 -13.75 7.23 5.46
CA GLN A 131 -12.73 7.73 6.36
C GLN A 131 -12.41 6.66 7.41
N GLN A 132 -11.20 6.78 7.92
CA GLN A 132 -10.67 5.90 8.94
C GLN A 132 -10.94 4.42 8.66
N ALA A 133 -11.53 3.69 9.59
CA ALA A 133 -11.67 2.25 9.42
C ALA A 133 -12.52 1.89 8.24
N ALA A 134 -13.45 2.79 7.85
CA ALA A 134 -14.34 2.43 6.80
C ALA A 134 -13.63 2.25 5.49
N ILE A 135 -12.45 2.85 5.33
CA ILE A 135 -11.80 2.73 4.04
C ILE A 135 -11.45 1.26 3.77
N THR A 136 -11.11 0.50 4.83
CA THR A 136 -10.56 -0.83 4.67
C THR A 136 -11.34 -1.92 5.41
N ALA A 137 -12.42 -1.54 6.09
CA ALA A 137 -13.13 -2.50 6.93
C ALA A 137 -13.69 -3.66 6.11
N LYS A 138 -13.59 -4.87 6.66
CA LYS A 138 -14.16 -6.08 6.07
C LYS A 138 -13.93 -6.08 4.57
N ASP A 139 -15.01 -6.13 3.78
CA ASP A 139 -14.83 -6.26 2.33
C ASP A 139 -15.24 -4.94 1.60
N ASN A 140 -15.19 -3.81 2.28
CA ASN A 140 -15.64 -2.56 1.68
C ASN A 140 -14.94 -2.27 0.35
N GLN A 141 -13.65 -2.55 0.31
CA GLN A 141 -12.83 -2.28 -0.87
C GLN A 141 -13.23 -3.09 -2.09
N PHE A 142 -13.90 -4.20 -1.88
CA PHE A 142 -14.47 -4.99 -2.96
C PHE A 142 -15.94 -4.60 -3.19
N VAL A 143 -16.73 -4.58 -2.10
CA VAL A 143 -18.17 -4.37 -2.23
C VAL A 143 -18.59 -3.01 -2.82
N ILE A 144 -17.97 -1.95 -2.37
CA ILE A 144 -18.37 -0.63 -2.75
C ILE A 144 -18.13 -0.41 -4.26
N PRO A 145 -16.92 -0.74 -4.78
CA PRO A 145 -16.77 -0.59 -6.22
C PRO A 145 -17.72 -1.51 -7.02
N ALA A 146 -17.87 -2.74 -6.58
CA ALA A 146 -18.72 -3.67 -7.29
C ALA A 146 -20.16 -3.08 -7.37
N ALA A 147 -20.64 -2.55 -6.26
CA ALA A 147 -22.00 -1.98 -6.24
C ALA A 147 -22.12 -0.76 -7.15
N LEU A 148 -21.08 0.06 -7.13
CA LEU A 148 -21.11 1.27 -7.90
C LEU A 148 -21.02 1.05 -9.38
N LYS A 149 -20.32 0.00 -9.81
CA LYS A 149 -20.35 -0.31 -11.23
C LYS A 149 -21.77 -0.67 -11.68
N MET A 150 -22.43 -1.49 -10.87
CA MET A 150 -23.80 -1.91 -11.14
C MET A 150 -24.73 -0.72 -11.22
N VAL A 151 -24.58 0.22 -10.29
CA VAL A 151 -25.38 1.45 -10.32
C VAL A 151 -25.14 2.24 -11.61
N LYS A 152 -23.88 2.46 -11.93
CA LYS A 152 -23.52 3.23 -13.09
C LYS A 152 -24.15 2.63 -14.33
N GLU A 153 -24.08 1.30 -14.45
CA GLU A 153 -24.63 0.62 -15.61
C GLU A 153 -26.13 0.63 -15.62
N HIS A 154 -26.75 0.45 -14.47
CA HIS A 154 -28.19 0.62 -14.37
C HIS A 154 -28.69 1.96 -14.97
N TYR A 155 -28.04 3.06 -14.62
CA TYR A 155 -28.43 4.36 -15.14
C TYR A 155 -27.96 4.62 -16.57
N ARG A 156 -26.84 4.04 -16.96
CA ARG A 156 -26.44 4.13 -18.37
C ARG A 156 -27.50 3.54 -19.31
N LYS A 157 -28.16 2.47 -18.95
CA LYS A 157 -29.19 1.86 -19.76
C LYS A 157 -30.25 2.90 -20.17
N THR A 158 -30.51 3.89 -19.32
CA THR A 158 -31.58 4.88 -19.60
C THR A 158 -31.00 6.20 -20.04
N GLY A 159 -29.73 6.16 -20.45
CA GLY A 159 -29.04 7.33 -20.92
C GLY A 159 -28.62 8.32 -19.85
N ASP A 160 -28.51 7.88 -18.59
CA ASP A 160 -28.24 8.81 -17.50
C ASP A 160 -26.83 8.54 -17.02
N ASN A 161 -26.10 9.63 -16.74
CA ASN A 161 -24.78 9.56 -16.16
C ASN A 161 -24.86 9.80 -14.71
N PHE A 162 -25.04 8.72 -13.98
CA PHE A 162 -24.92 8.76 -12.53
C PHE A 162 -23.49 9.10 -12.12
N MET A 163 -23.32 10.24 -11.44
CA MET A 163 -21.99 10.71 -11.10
C MET A 163 -21.36 9.88 -9.99
N ILE A 164 -20.05 9.59 -10.12
CA ILE A 164 -19.32 8.98 -9.00
C ILE A 164 -18.14 9.89 -8.72
N THR A 165 -18.03 10.33 -7.49
CA THR A 165 -16.90 11.13 -7.10
C THR A 165 -16.29 10.44 -5.87
N MET A 166 -15.13 10.91 -5.45
CA MET A 166 -14.57 10.43 -4.17
C MET A 166 -13.82 11.57 -3.48
N ALA A 167 -13.77 11.47 -2.16
CA ALA A 167 -13.08 12.47 -1.32
C ALA A 167 -12.04 11.87 -0.39
N PRO A 168 -11.07 11.16 -0.96
CA PRO A 168 -9.98 10.59 -0.13
C PRO A 168 -9.19 11.68 0.55
N GLU A 169 -8.87 11.47 1.82
CA GLU A 169 -7.82 12.24 2.43
C GLU A 169 -6.52 12.01 1.66
N PHE A 170 -5.83 13.08 1.31
CA PHE A 170 -4.73 12.93 0.36
C PHE A 170 -3.66 11.90 0.69
N PRO A 171 -3.29 11.69 1.98
CA PRO A 171 -2.18 10.74 2.17
C PRO A 171 -2.50 9.33 1.73
N TYR A 172 -3.79 9.00 1.61
CA TYR A 172 -4.16 7.68 1.14
C TYR A 172 -3.98 7.49 -0.35
N LEU A 173 -3.64 8.53 -1.10
CA LEU A 173 -3.51 8.44 -2.56
C LEU A 173 -2.14 8.05 -3.06
N THR A 174 -1.24 7.61 -2.16
CA THR A 174 0.00 7.02 -2.65
C THR A 174 -0.32 5.77 -3.46
N ALA A 175 0.60 5.41 -4.36
CA ALA A 175 0.38 4.36 -5.33
C ALA A 175 -0.08 2.99 -4.81
N ASN A 176 0.22 2.68 -3.57
CA ASN A 176 -0.22 1.43 -2.99
C ASN A 176 -0.91 1.73 -1.70
N GLY A 177 -1.63 2.88 -1.64
CA GLY A 177 -2.34 3.25 -0.45
C GLY A 177 -3.74 2.66 -0.40
N ALA A 178 -4.43 2.94 0.69
CA ALA A 178 -5.69 2.32 1.02
C ALA A 178 -6.84 2.61 0.03
N TYR A 179 -6.75 3.71 -0.70
CA TYR A 179 -7.78 4.04 -1.68
C TYR A 179 -7.57 3.39 -3.00
N THR A 180 -6.47 2.67 -3.20
CA THR A 180 -6.13 2.05 -4.49
C THR A 180 -7.26 1.28 -5.20
N PRO A 181 -7.90 0.31 -4.49
CA PRO A 181 -9.02 -0.43 -5.12
C PRO A 181 -10.15 0.45 -5.57
N TYR A 182 -10.48 1.50 -4.84
CA TYR A 182 -11.61 2.32 -5.28
C TYR A 182 -11.25 3.07 -6.56
N LEU A 183 -10.05 3.61 -6.61
CA LEU A 183 -9.61 4.41 -7.72
C LEU A 183 -9.40 3.54 -8.98
N THR A 184 -8.89 2.34 -8.79
CA THR A 184 -8.55 1.46 -9.92
CA THR A 184 -8.54 1.45 -9.89
C THR A 184 -9.77 0.76 -10.44
N GLU A 185 -10.56 0.16 -9.55
CA GLU A 185 -11.75 -0.56 -9.98
C GLU A 185 -12.71 0.37 -10.67
N LEU A 186 -12.79 1.61 -10.20
CA LEU A 186 -13.72 2.59 -10.77
C LEU A 186 -13.09 3.51 -11.87
N ASP A 187 -11.87 3.26 -12.32
CA ASP A 187 -11.34 4.02 -13.42
CA ASP A 187 -11.30 4.01 -13.43
C ASP A 187 -12.29 3.92 -14.63
N GLY A 188 -12.71 5.06 -15.16
CA GLY A 188 -13.67 5.09 -16.25
C GLY A 188 -15.08 5.34 -15.79
N TYR A 189 -15.34 5.01 -14.52
CA TYR A 189 -16.64 5.16 -13.96
C TYR A 189 -16.76 6.45 -13.22
N TYR A 190 -15.65 6.97 -12.69
CA TYR A 190 -15.78 8.15 -11.86
C TYR A 190 -15.64 9.39 -12.67
N ASP A 191 -16.38 10.43 -12.22
CA ASP A 191 -16.38 11.69 -12.92
C ASP A 191 -15.25 12.61 -12.53
N PHE A 192 -15.01 12.65 -11.21
CA PHE A 192 -13.84 13.37 -10.69
C PHE A 192 -13.61 12.94 -9.26
N ILE A 193 -12.39 13.20 -8.78
CA ILE A 193 -11.99 13.00 -7.41
C ILE A 193 -11.72 14.35 -6.80
N ASN A 194 -12.24 14.56 -5.62
CA ASN A 194 -11.97 15.77 -4.84
C ASN A 194 -11.31 15.40 -3.52
N PRO A 195 -10.03 15.13 -3.56
CA PRO A 195 -9.40 14.79 -2.28
C PRO A 195 -9.48 15.86 -1.24
N GLN A 196 -9.32 15.46 0.02
CA GLN A 196 -9.23 16.43 1.09
C GLN A 196 -7.77 16.81 1.35
N PHE A 197 -7.42 18.06 1.06
CA PHE A 197 -6.05 18.53 1.30
C PHE A 197 -6.03 19.30 2.61
N TYR A 198 -6.55 18.68 3.65
CA TYR A 198 -6.72 19.33 4.93
C TYR A 198 -6.89 18.25 6.00
N ASN A 199 -6.77 18.65 7.26
CA ASN A 199 -6.87 17.74 8.45
C ASN A 199 -5.78 16.67 8.53
N GLN A 200 -4.69 16.86 7.79
CA GLN A 200 -3.58 15.91 7.84
C GLN A 200 -2.30 16.46 8.42
N GLY A 201 -2.37 17.58 9.12
CA GLY A 201 -1.22 18.11 9.85
C GLY A 201 -0.02 18.33 9.00
N GLY A 202 1.08 17.81 9.50
CA GLY A 202 2.35 17.87 8.83
C GLY A 202 2.58 16.88 7.70
N ASP A 203 1.57 16.12 7.28
CA ASP A 203 1.75 15.23 6.13
C ASP A 203 1.98 16.08 4.86
N GLY A 204 2.53 15.48 3.81
CA GLY A 204 2.88 16.25 2.61
C GLY A 204 3.66 15.40 1.70
N LEU A 205 4.60 16.01 0.99
CA LEU A 205 5.48 15.27 0.07
C LEU A 205 6.85 15.90 -0.05
N TRP A 206 7.79 15.01 -0.39
CA TRP A 206 9.17 15.41 -0.64
C TRP A 206 9.35 15.64 -2.16
N ILE A 207 9.90 16.81 -2.49
CA ILE A 207 10.16 17.17 -3.87
C ILE A 207 11.69 17.10 -4.01
N GLU A 208 12.17 16.20 -4.87
CA GLU A 208 13.62 16.05 -4.95
C GLU A 208 14.21 17.36 -5.43
N GLY A 209 15.31 17.77 -4.81
CA GLY A 209 15.96 19.01 -5.18
C GLY A 209 15.31 20.27 -4.65
N VAL A 210 14.19 20.14 -3.94
CA VAL A 210 13.45 21.29 -3.39
C VAL A 210 13.25 21.13 -1.88
N GLY A 211 12.67 20.01 -1.48
CA GLY A 211 12.54 19.71 -0.07
C GLY A 211 11.15 19.21 0.30
N TRP A 212 10.87 19.22 1.61
CA TRP A 212 9.61 18.79 2.15
C TRP A 212 8.58 19.90 2.17
N ILE A 213 7.41 19.60 1.60
CA ILE A 213 6.31 20.54 1.57
C ILE A 213 5.11 19.94 2.26
N ALA A 214 4.72 20.59 3.36
CA ALA A 214 3.67 20.09 4.24
C ALA A 214 2.35 20.77 3.97
N GLN A 215 1.30 20.03 4.24
CA GLN A 215 -0.08 20.55 4.11
C GLN A 215 -0.40 21.65 5.12
N ASN A 216 0.33 21.73 6.23
CA ASN A 216 0.08 22.76 7.25
C ASN A 216 1.09 23.92 7.19
N ASN A 217 1.85 23.99 6.09
CA ASN A 217 2.83 25.05 5.97
C ASN A 217 2.26 26.22 5.22
N ASP A 218 1.94 27.28 5.93
CA ASP A 218 1.23 28.39 5.28
C ASP A 218 2.17 29.37 4.59
N ALA A 219 3.47 29.17 4.77
CA ALA A 219 4.47 29.93 4.01
C ALA A 219 4.71 29.36 2.63
N LEU A 220 4.40 28.08 2.42
CA LEU A 220 4.67 27.42 1.15
C LEU A 220 3.37 26.83 0.57
N LYS A 221 2.27 27.50 0.82
CA LYS A 221 0.99 26.96 0.34
C LYS A 221 0.88 26.89 -1.20
N GLU A 222 1.42 27.87 -1.95
CA GLU A 222 1.33 27.79 -3.40
C GLU A 222 2.09 26.53 -3.87
N GLU A 223 3.28 26.31 -3.29
CA GLU A 223 4.07 25.16 -3.65
C GLU A 223 3.35 23.85 -3.32
N PHE A 224 2.69 23.82 -2.14
CA PHE A 224 1.97 22.61 -1.70
C PHE A 224 0.89 22.25 -2.74
N ILE A 225 0.08 23.26 -3.07
CA ILE A 225 -1.03 23.06 -3.99
C ILE A 225 -0.45 22.61 -5.35
N TYR A 226 0.54 23.35 -5.86
CA TYR A 226 1.11 23.07 -7.18
C TYR A 226 1.65 21.67 -7.17
N TYR A 227 2.55 21.39 -6.21
CA TYR A 227 3.24 20.12 -6.31
C TYR A 227 2.41 18.89 -6.02
N ILE A 228 1.48 18.95 -5.06
CA ILE A 228 0.70 17.76 -4.83
C ILE A 228 -0.25 17.49 -6.02
N ALA A 229 -0.74 18.58 -6.61
CA ALA A 229 -1.59 18.38 -7.76
C ALA A 229 -0.82 17.93 -8.99
N ASP A 230 0.37 18.49 -9.18
CA ASP A 230 1.21 18.08 -10.30
C ASP A 230 1.53 16.59 -10.20
N SER A 231 1.83 16.15 -8.97
CA SER A 231 2.14 14.75 -8.76
C SER A 231 0.96 13.86 -9.05
N LEU A 232 -0.25 14.27 -8.57
CA LEU A 232 -1.41 13.49 -8.85
C LEU A 232 -1.77 13.38 -10.36
N ILE A 233 -1.70 14.49 -11.07
CA ILE A 233 -2.19 14.52 -12.42
C ILE A 233 -1.20 13.82 -13.38
N ASN A 234 0.03 13.60 -12.91
CA ASN A 234 1.00 12.88 -13.70
C ASN A 234 1.42 11.52 -13.14
N GLY A 235 0.92 11.17 -11.96
CA GLY A 235 1.26 9.90 -11.35
C GLY A 235 2.72 9.83 -10.94
N THR A 236 3.23 10.96 -10.49
CA THR A 236 4.64 11.04 -10.10
C THR A 236 4.73 11.21 -8.59
N ARG A 237 5.98 11.14 -8.09
CA ARG A 237 6.23 11.35 -6.66
C ARG A 237 5.42 10.48 -5.77
N ASN A 238 5.25 9.26 -6.19
CA ASN A 238 4.63 8.16 -5.46
C ASN A 238 3.12 8.26 -5.27
N TYR A 239 2.51 9.11 -6.04
CA TYR A 239 1.04 9.19 -6.06
C TYR A 239 0.40 8.46 -7.25
N HIS A 240 -0.79 7.89 -6.97
CA HIS A 240 -1.66 7.32 -7.96
C HIS A 240 -2.12 8.45 -8.90
N LYS A 241 -2.15 8.18 -10.18
CA LYS A 241 -2.55 9.20 -11.18
C LYS A 241 -4.06 9.44 -11.21
N ILE A 242 -4.42 10.70 -11.05
CA ILE A 242 -5.81 11.14 -11.25
C ILE A 242 -5.69 12.19 -12.35
N PRO A 243 -6.34 11.97 -13.51
CA PRO A 243 -6.16 12.94 -14.61
C PRO A 243 -6.61 14.35 -14.24
N HIS A 244 -5.97 15.37 -14.78
CA HIS A 244 -6.19 16.74 -14.36
C HIS A 244 -7.66 17.16 -14.59
N ASP A 245 -8.21 16.63 -15.68
CA ASP A 245 -9.64 16.91 -15.95
C ASP A 245 -10.57 16.32 -14.95
N LYS A 246 -10.04 15.50 -14.04
CA LYS A 246 -10.80 14.82 -12.99
C LYS A 246 -10.28 15.10 -11.59
N LEU A 247 -9.50 16.16 -11.44
CA LEU A 247 -8.94 16.51 -10.10
C LEU A 247 -9.53 17.83 -9.64
N VAL A 248 -10.20 17.73 -8.48
CA VAL A 248 -10.86 18.84 -7.85
C VAL A 248 -10.16 19.04 -6.47
N PHE A 249 -9.77 20.25 -6.16
CA PHE A 249 -8.92 20.46 -4.96
C PHE A 249 -9.81 20.77 -3.73
N GLY A 250 -9.86 19.82 -2.79
CA GLY A 250 -10.71 19.92 -1.60
C GLY A 250 -10.06 20.68 -0.46
N LEU A 251 -10.82 21.58 0.13
CA LEU A 251 -10.31 22.59 1.08
C LEU A 251 -11.32 22.82 2.21
N PRO A 252 -10.84 23.30 3.37
CA PRO A 252 -11.77 23.84 4.40
C PRO A 252 -12.32 25.20 4.01
N SER A 253 -13.57 25.46 4.30
CA SER A 253 -14.16 26.77 4.02
CA SER A 253 -14.09 26.77 3.95
C SER A 253 -13.47 27.87 4.80
N ASN A 254 -13.02 27.52 6.00
CA ASN A 254 -12.48 28.49 6.96
C ASN A 254 -11.85 27.75 8.11
N ILE A 255 -11.29 28.49 9.07
CA ILE A 255 -10.52 27.83 10.14
C ILE A 255 -11.39 27.03 11.09
N ASP A 256 -12.71 27.25 11.08
CA ASP A 256 -13.59 26.46 11.96
C ASP A 256 -13.94 25.12 11.32
N ALA A 257 -13.78 25.03 10.00
CA ALA A 257 -14.25 23.87 9.28
C ALA A 257 -13.31 22.70 9.30
N ALA A 258 -12.06 22.93 9.67
CA ALA A 258 -11.06 21.88 9.69
C ALA A 258 -9.99 22.29 10.64
N ALA A 259 -9.23 21.32 11.15
CA ALA A 259 -8.15 21.62 12.07
C ALA A 259 -7.04 22.36 11.39
N THR A 260 -6.67 21.87 10.20
CA THR A 260 -5.60 22.43 9.45
C THR A 260 -5.95 22.37 7.96
N GLY A 261 -5.24 23.16 7.15
CA GLY A 261 -5.39 23.12 5.69
C GLY A 261 -6.11 24.31 5.10
N TYR A 262 -6.68 25.19 5.93
CA TYR A 262 -7.31 26.39 5.37
C TYR A 262 -6.27 27.22 4.64
N ILE A 263 -6.67 27.75 3.48
CA ILE A 263 -5.82 28.66 2.71
C ILE A 263 -5.99 30.09 3.19
N GLN A 264 -4.93 30.59 3.84
CA GLN A 264 -4.92 31.94 4.37
CA GLN A 264 -4.92 31.94 4.36
C GLN A 264 -5.03 32.96 3.25
N ASP A 265 -4.21 32.76 2.20
CA ASP A 265 -4.11 33.73 1.09
C ASP A 265 -4.57 33.07 -0.20
N PRO A 266 -5.79 33.41 -0.65
CA PRO A 266 -6.30 32.77 -1.88
C PRO A 266 -5.40 32.92 -3.11
N GLN A 267 -4.55 33.94 -3.12
CA GLN A 267 -3.61 34.11 -4.23
C GLN A 267 -2.71 32.86 -4.42
N ASP A 268 -2.39 32.16 -3.32
CA ASP A 268 -1.60 30.93 -3.44
C ASP A 268 -2.28 29.88 -4.32
N LEU A 269 -3.59 29.77 -4.12
CA LEU A 269 -4.40 28.88 -4.98
C LEU A 269 -4.48 29.40 -6.43
N TYR A 270 -4.79 30.69 -6.61
CA TYR A 270 -4.90 31.19 -7.98
C TYR A 270 -3.62 30.90 -8.76
N LYS A 271 -2.46 31.15 -8.12
CA LYS A 271 -1.19 31.06 -8.83
C LYS A 271 -0.84 29.60 -9.10
N ALA A 272 -1.07 28.73 -8.13
CA ALA A 272 -0.81 27.33 -8.33
C ALA A 272 -1.69 26.80 -9.46
N PHE A 273 -2.97 27.12 -9.43
CA PHE A 273 -3.85 26.68 -10.52
C PHE A 273 -3.40 27.27 -11.86
N ASP A 274 -3.01 28.55 -11.87
CA ASP A 274 -2.52 29.17 -13.08
C ASP A 274 -1.28 28.45 -13.65
N ARG A 275 -0.36 28.03 -12.78
CA ARG A 275 0.82 27.28 -13.21
C ARG A 275 0.45 25.92 -13.82
N LEU A 276 -0.51 25.25 -13.20
CA LEU A 276 -0.98 23.97 -13.70
C LEU A 276 -1.60 24.12 -15.09
N LYS A 277 -2.41 25.17 -15.24
CA LYS A 277 -3.00 25.45 -16.54
C LYS A 277 -1.90 25.78 -17.57
N ALA A 278 -0.85 26.49 -17.12
CA ALA A 278 0.27 26.91 -18.00
C ALA A 278 1.08 25.70 -18.50
N GLN A 279 1.08 24.57 -17.78
CA GLN A 279 1.78 23.38 -18.28
C GLN A 279 0.87 22.45 -19.04
N GLY A 280 -0.34 22.94 -19.35
CA GLY A 280 -1.26 22.20 -20.19
C GLY A 280 -2.21 21.29 -19.43
N GLN A 281 -2.33 21.49 -18.11
CA GLN A 281 -3.08 20.58 -17.28
C GLN A 281 -3.95 21.29 -16.26
N PRO A 282 -4.93 22.08 -16.74
CA PRO A 282 -5.81 22.79 -15.81
C PRO A 282 -6.62 21.80 -14.97
N LEU A 283 -6.83 22.19 -13.73
CA LEU A 283 -7.59 21.34 -12.86
C LEU A 283 -9.10 21.55 -13.10
N ARG A 284 -9.89 20.69 -12.48
CA ARG A 284 -11.35 20.59 -12.74
C ARG A 284 -12.16 21.41 -11.72
N GLY A 285 -11.56 21.88 -10.64
CA GLY A 285 -12.29 22.71 -9.71
C GLY A 285 -11.79 22.76 -8.32
N VAL A 286 -12.64 23.18 -7.42
CA VAL A 286 -12.36 23.08 -5.98
C VAL A 286 -13.51 22.47 -5.28
N MET A 287 -13.29 21.98 -4.09
CA MET A 287 -14.31 21.38 -3.21
C MET A 287 -14.12 21.99 -1.81
N THR A 288 -15.22 22.12 -1.06
CA THR A 288 -15.09 22.57 0.31
C THR A 288 -15.96 21.81 1.30
N TRP A 289 -15.35 21.55 2.45
CA TRP A 289 -16.11 21.30 3.66
C TRP A 289 -16.21 22.68 4.30
N SER A 290 -17.37 23.36 4.30
CA SER A 290 -18.62 22.91 3.74
C SER A 290 -19.46 24.17 3.49
N VAL A 291 -20.60 23.98 2.86
CA VAL A 291 -21.47 25.12 2.61
C VAL A 291 -21.98 25.63 3.96
N ASN A 292 -22.27 24.71 4.89
CA ASN A 292 -22.71 25.15 6.23
C ASN A 292 -21.68 25.98 6.97
N TRP A 293 -20.39 25.62 6.82
CA TRP A 293 -19.35 26.40 7.43
C TRP A 293 -19.19 27.73 6.72
N ASP A 294 -19.35 27.74 5.40
CA ASP A 294 -19.26 28.99 4.63
C ASP A 294 -20.33 30.00 5.04
N MET A 295 -21.43 29.48 5.58
CA MET A 295 -22.58 30.26 6.03
C MET A 295 -22.63 30.30 7.58
N GLY A 296 -21.52 29.94 8.23
CA GLY A 296 -21.50 29.80 9.67
C GLY A 296 -21.00 31.02 10.38
N THR A 297 -20.75 30.86 11.68
CA THR A 297 -20.24 31.94 12.52
C THR A 297 -18.99 31.47 13.25
N ASP A 298 -18.15 32.42 13.62
CA ASP A 298 -16.98 32.12 14.44
C ASP A 298 -17.30 32.16 15.92
N ALA A 299 -16.29 32.03 16.75
CA ALA A 299 -16.52 31.99 18.20
C ALA A 299 -17.06 33.28 18.76
N ALA A 300 -16.80 34.37 18.06
CA ALA A 300 -17.27 35.67 18.49
C ALA A 300 -18.63 35.98 17.89
N ASN A 301 -19.24 34.98 17.26
CA ASN A 301 -20.61 35.15 16.66
C ASN A 301 -20.67 36.04 15.44
N ASN A 302 -19.52 36.21 14.82
CA ASN A 302 -19.41 36.93 13.56
C ASN A 302 -19.58 35.94 12.38
N SER A 303 -20.32 36.35 11.39
CA SER A 303 -20.63 35.48 10.26
CA SER A 303 -20.63 35.52 10.24
C SER A 303 -19.48 35.36 9.24
N TYR A 304 -19.24 34.13 8.81
CA TYR A 304 -18.26 33.90 7.73
C TYR A 304 -18.73 34.51 6.41
N ASN A 305 -20.06 34.57 6.25
CA ASN A 305 -20.66 35.30 5.17
C ASN A 305 -20.11 34.99 3.80
N GLN A 306 -19.98 33.68 3.55
CA GLN A 306 -19.69 33.11 2.23
C GLN A 306 -18.28 33.42 1.73
N GLN A 307 -17.32 33.61 2.63
CA GLN A 307 -15.98 33.98 2.15
C GLN A 307 -15.37 32.97 1.20
N PHE A 308 -15.65 31.70 1.40
CA PHE A 308 -15.01 30.72 0.51
C PHE A 308 -15.51 30.85 -0.93
N ILE A 309 -16.84 30.92 -1.12
CA ILE A 309 -17.38 31.05 -2.46
C ILE A 309 -17.01 32.42 -3.07
N LYS A 310 -16.86 33.45 -2.21
CA LYS A 310 -16.35 34.76 -2.67
C LYS A 310 -14.95 34.59 -3.23
N ASP A 311 -14.11 33.87 -2.49
CA ASP A 311 -12.71 33.73 -2.93
C ASP A 311 -12.54 32.86 -4.16
N TYR A 312 -13.35 31.81 -4.30
CA TYR A 312 -13.10 30.81 -5.36
C TYR A 312 -14.14 30.59 -6.47
N GLY A 313 -15.40 30.95 -6.23
CA GLY A 313 -16.45 30.67 -7.20
C GLY A 313 -16.15 31.15 -8.63
N ASN A 314 -15.95 32.46 -8.74
CA ASN A 314 -15.72 33.06 -10.02
C ASN A 314 -14.41 32.61 -10.59
N PHE A 315 -13.38 32.49 -9.76
CA PHE A 315 -12.09 31.98 -10.27
C PHE A 315 -12.25 30.63 -10.98
N ILE A 316 -12.96 29.69 -10.39
CA ILE A 316 -13.03 28.36 -10.93
C ILE A 316 -14.04 28.28 -12.07
N HIS A 317 -15.12 29.04 -11.97
CA HIS A 317 -16.11 28.97 -13.05
C HIS A 317 -15.68 29.67 -14.31
N ASN A 318 -14.87 30.71 -14.16
CA ASN A 318 -14.35 31.45 -15.29
C ASN A 318 -13.10 30.80 -15.89
N GLN A 319 -13.32 29.60 -16.40
CA GLN A 319 -12.28 28.75 -17.00
C GLN A 319 -12.89 27.97 -18.16
N LEU A 320 -12.04 27.60 -19.13
CA LEU A 320 -12.50 26.76 -20.17
C LEU A 320 -12.99 25.40 -19.70
N PRO A 321 -13.86 24.81 -20.49
CA PRO A 321 -14.26 23.45 -20.15
C PRO A 321 -13.08 22.47 -20.12
N PRO A 322 -13.25 21.37 -19.39
CA PRO A 322 -12.16 20.40 -19.28
C PRO A 322 -11.85 19.71 -20.64
N VAL A 323 -10.59 19.33 -20.79
CA VAL A 323 -10.09 18.59 -21.96
C VAL A 323 -9.65 17.25 -21.43
N THR A 324 -10.25 16.18 -21.94
CA THR A 324 -10.08 14.85 -21.33
C THR A 324 -8.71 14.30 -21.58
N ASP A 325 -7.99 13.85 -20.53
CA ASP A 325 -6.76 13.11 -20.69
C ASP A 325 -7.14 11.67 -21.00
N MET A 326 -6.94 11.27 -22.26
CA MET A 326 -7.35 9.93 -22.73
C MET A 326 -6.26 8.85 -22.65
N THR A 327 -5.24 9.07 -21.84
CA THR A 327 -4.18 8.06 -21.79
C THR A 327 -4.69 6.78 -21.11
N PRO A 328 -4.27 5.60 -21.59
CA PRO A 328 -4.73 4.36 -20.96
C PRO A 328 -3.93 3.96 -19.74
N THR A 329 -4.32 2.90 -19.06
CA THR A 329 -3.58 2.48 -17.88
C THR A 329 -3.09 1.06 -18.05
N LEU A 330 -1.96 0.79 -17.39
CA LEU A 330 -1.50 -0.58 -17.16
C LEU A 330 -1.59 -0.91 -15.67
N SER A 331 -1.96 -2.14 -15.36
CA SER A 331 -2.05 -2.54 -13.96
C SER A 331 -1.38 -3.87 -13.74
N GLY A 332 -0.86 -4.07 -12.53
CA GLY A 332 -0.29 -5.34 -12.14
C GLY A 332 1.20 -5.53 -12.33
N ILE A 333 1.89 -4.52 -12.82
CA ILE A 333 3.29 -4.65 -13.19
C ILE A 333 4.16 -4.33 -11.97
N VAL A 334 4.83 -5.38 -11.52
CA VAL A 334 5.71 -5.27 -10.36
C VAL A 334 6.99 -5.99 -10.60
N ASP A 335 8.12 -5.38 -10.20
CA ASP A 335 9.37 -6.09 -10.35
C ASP A 335 9.25 -7.43 -9.61
N THR A 336 9.80 -8.47 -10.23
CA THR A 336 9.61 -9.84 -9.76
C THR A 336 10.92 -10.65 -9.76
N ARG A 337 11.11 -11.46 -8.72
CA ARG A 337 12.29 -12.31 -8.59
C ARG A 337 11.83 -13.75 -8.91
N VAL A 338 12.58 -14.43 -9.76
CA VAL A 338 12.26 -15.79 -10.17
C VAL A 338 13.46 -16.69 -9.96
N GLU A 339 13.22 -17.90 -9.47
N GLU A 339 13.21 -17.90 -9.43
CA GLU A 339 14.26 -18.90 -9.23
C GLU A 339 14.78 -19.42 -10.58
N LEU A 340 16.09 -19.61 -10.64
CA LEU A 340 16.75 -20.26 -11.75
C LEU A 340 15.97 -21.48 -12.18
N ASP A 341 15.69 -21.51 -13.48
CA ASP A 341 15.03 -22.61 -14.20
C ASP A 341 13.53 -22.78 -13.95
N SER A 342 12.92 -21.82 -13.25
CA SER A 342 11.47 -21.82 -13.10
C SER A 342 10.84 -21.30 -14.40
N HIS A 343 9.53 -21.53 -14.54
CA HIS A 343 8.85 -21.03 -15.74
C HIS A 343 8.39 -19.61 -15.50
N PHE A 344 8.61 -18.72 -16.44
CA PHE A 344 8.14 -17.35 -16.28
C PHE A 344 7.29 -16.98 -17.49
N ASP A 345 6.14 -16.39 -17.21
CA ASP A 345 5.21 -15.93 -18.22
C ASP A 345 5.00 -14.45 -18.01
N PRO A 346 5.47 -13.64 -18.96
CA PRO A 346 5.48 -12.18 -18.81
C PRO A 346 4.08 -11.57 -18.82
N LEU A 347 3.06 -12.32 -19.21
CA LEU A 347 1.74 -11.74 -19.32
C LEU A 347 0.90 -11.97 -18.07
N ILE A 348 1.24 -12.94 -17.24
CA ILE A 348 0.38 -13.28 -16.12
C ILE A 348 0.28 -12.12 -15.10
N GLY A 349 -0.97 -11.78 -14.74
CA GLY A 349 -1.29 -10.78 -13.72
C GLY A 349 -1.28 -9.33 -14.20
N ILE A 350 -1.05 -9.16 -15.48
CA ILE A 350 -0.92 -7.88 -16.06
C ILE A 350 -2.15 -7.52 -16.89
N THR A 351 -2.70 -6.35 -16.68
CA THR A 351 -3.87 -5.91 -17.45
C THR A 351 -3.76 -4.48 -17.93
N ALA A 352 -4.73 -4.07 -18.77
CA ALA A 352 -4.77 -2.71 -19.27
C ALA A 352 -6.16 -2.22 -19.49
N LYS A 353 -6.37 -0.93 -19.32
CA LYS A 353 -7.70 -0.32 -19.61
C LYS A 353 -7.53 0.94 -20.42
N ASP A 354 -8.52 1.22 -21.28
CA ASP A 354 -8.58 2.52 -21.89
C ASP A 354 -9.13 3.51 -20.88
N TYR A 355 -9.23 4.76 -21.32
CA TYR A 355 -9.54 5.85 -20.41
C TYR A 355 -10.97 5.79 -19.95
N GLN A 356 -11.76 4.93 -20.60
CA GLN A 356 -13.15 4.77 -20.23
C GLN A 356 -13.38 3.53 -19.37
N GLY A 357 -12.26 2.84 -19.06
CA GLY A 357 -12.31 1.67 -18.22
C GLY A 357 -12.55 0.39 -19.00
N ASN A 358 -12.61 0.44 -20.32
CA ASN A 358 -12.69 -0.82 -21.05
C ASN A 358 -11.39 -1.60 -21.02
N ASP A 359 -11.49 -2.93 -20.99
CA ASP A 359 -10.32 -3.80 -20.88
C ASP A 359 -9.69 -3.86 -22.26
N ILE A 360 -8.41 -3.54 -22.35
CA ILE A 360 -7.64 -3.64 -23.55
C ILE A 360 -6.38 -4.47 -23.29
N THR A 361 -6.49 -5.41 -22.36
CA THR A 361 -5.36 -6.31 -22.01
C THR A 361 -4.77 -7.00 -23.27
N ALA A 362 -5.62 -7.41 -24.22
CA ALA A 362 -5.13 -8.07 -25.43
C ALA A 362 -4.23 -7.24 -26.29
N ASP A 363 -4.28 -5.93 -26.07
CA ASP A 363 -3.52 -5.01 -26.86
C ASP A 363 -2.18 -4.70 -26.23
N VAL A 364 -1.92 -5.21 -25.03
CA VAL A 364 -0.61 -5.04 -24.40
C VAL A 364 0.50 -5.73 -25.24
N THR A 365 1.64 -5.06 -25.37
CA THR A 365 2.83 -5.66 -25.97
C THR A 365 4.02 -5.52 -25.01
N VAL A 366 4.99 -6.40 -25.16
CA VAL A 366 6.08 -6.47 -24.22
C VAL A 366 7.35 -6.51 -25.03
N SER A 367 8.29 -5.66 -24.70
CA SER A 367 9.59 -5.84 -25.31
C SER A 367 10.61 -6.26 -24.25
N GLY A 368 11.59 -7.04 -24.69
CA GLY A 368 12.57 -7.65 -23.82
C GLY A 368 12.18 -9.08 -23.52
N SER A 369 13.09 -9.82 -22.92
CA SER A 369 12.92 -11.24 -22.73
CA SER A 369 12.93 -11.24 -22.73
C SER A 369 13.61 -11.64 -21.44
N VAL A 370 13.05 -12.62 -20.74
CA VAL A 370 13.73 -13.18 -19.59
C VAL A 370 14.32 -14.55 -19.90
N ASN A 371 15.55 -14.82 -19.50
CA ASN A 371 16.13 -16.14 -19.60
C ASN A 371 16.25 -16.75 -18.23
N THR A 372 15.30 -17.59 -17.86
CA THR A 372 15.35 -18.09 -16.51
C THR A 372 16.45 -19.11 -16.33
N ASN A 373 17.15 -19.50 -17.41
CA ASN A 373 18.30 -20.43 -17.28
C ASN A 373 19.62 -19.74 -16.97
N GLN A 374 19.56 -18.43 -16.77
CA GLN A 374 20.73 -17.63 -16.44
C GLN A 374 20.47 -16.57 -15.37
N VAL A 375 21.13 -16.69 -14.21
CA VAL A 375 20.98 -15.66 -13.19
C VAL A 375 21.33 -14.30 -13.73
N GLY A 376 20.60 -13.28 -13.24
CA GLY A 376 20.87 -11.91 -13.66
C GLY A 376 19.61 -11.08 -13.73
N ASP A 377 19.72 -9.82 -14.13
CA ASP A 377 18.55 -8.94 -14.26
C ASP A 377 18.12 -8.89 -15.71
N TYR A 378 16.81 -8.89 -15.90
CA TYR A 378 16.18 -8.80 -17.24
C TYR A 378 15.16 -7.69 -17.18
N LEU A 379 15.20 -6.81 -18.16
CA LEU A 379 14.32 -5.65 -18.15
C LEU A 379 13.28 -5.79 -19.24
N LEU A 380 12.02 -5.79 -18.82
CA LEU A 380 10.91 -5.80 -19.77
C LEU A 380 10.28 -4.43 -19.81
N THR A 381 9.68 -4.10 -20.94
CA THR A 381 8.88 -2.88 -21.03
C THR A 381 7.55 -3.27 -21.61
N TYR A 382 6.49 -2.91 -20.86
CA TYR A 382 5.12 -3.11 -21.32
C TYR A 382 4.59 -1.83 -21.90
N SER A 383 3.81 -1.99 -22.96
CA SER A 383 3.20 -0.86 -23.64
CA SER A 383 3.21 -0.86 -23.64
C SER A 383 1.79 -1.18 -24.06
N VAL A 384 0.95 -0.17 -23.98
CA VAL A 384 -0.40 -0.28 -24.56
C VAL A 384 -0.82 1.07 -25.14
N SER A 385 -1.53 1.03 -26.26
CA SER A 385 -2.01 2.24 -26.95
C SER A 385 -3.50 2.17 -27.15
N SER A 386 -4.14 3.30 -26.92
CA SER A 386 -5.58 3.47 -27.20
C SER A 386 -5.84 4.97 -27.28
N ASP A 387 -6.82 5.36 -28.12
CA ASP A 387 -7.29 6.75 -28.16
C ASP A 387 -6.20 7.76 -28.49
N ASP A 388 -5.23 7.31 -29.28
CA ASP A 388 -4.13 8.12 -29.77
CA ASP A 388 -4.15 8.19 -29.75
C ASP A 388 -3.16 8.48 -28.65
N GLU A 389 -3.12 7.63 -27.63
CA GLU A 389 -2.20 7.78 -26.52
C GLU A 389 -1.54 6.45 -26.23
N THR A 390 -0.42 6.54 -25.54
CA THR A 390 0.35 5.34 -25.24
C THR A 390 0.85 5.42 -23.80
N THR A 391 0.80 4.31 -23.10
CA THR A 391 1.43 4.19 -21.81
CA THR A 391 1.40 4.18 -21.79
C THR A 391 2.38 3.02 -21.78
N ASN A 392 3.53 3.29 -21.16
CA ASN A 392 4.62 2.36 -21.09
C ASN A 392 5.09 2.23 -19.64
N GLN A 393 5.51 1.03 -19.25
CA GLN A 393 5.99 0.87 -17.88
C GLN A 393 7.04 -0.24 -17.89
N PRO A 394 8.17 -0.04 -17.19
CA PRO A 394 9.11 -1.12 -17.07
C PRO A 394 8.80 -2.13 -15.97
N ARG A 395 9.48 -3.27 -16.09
CA ARG A 395 9.46 -4.30 -15.09
C ARG A 395 10.81 -5.00 -15.08
N LYS A 396 11.43 -5.05 -13.92
CA LYS A 396 12.68 -5.80 -13.81
C LYS A 396 12.40 -7.20 -13.32
N ILE A 397 12.97 -8.20 -13.97
CA ILE A 397 12.86 -9.58 -13.54
C ILE A 397 14.26 -10.03 -13.14
N THR A 398 14.43 -10.44 -11.89
CA THR A 398 15.72 -10.95 -11.44
C THR A 398 15.64 -12.44 -11.25
N VAL A 399 16.48 -13.14 -12.01
CA VAL A 399 16.66 -14.56 -11.83
C VAL A 399 17.77 -14.83 -10.81
N TYR A 400 17.44 -15.59 -9.76
CA TYR A 400 18.40 -15.87 -8.68
C TYR A 400 18.48 -17.36 -8.43
N GLU A 401 19.54 -17.74 -7.74
CA GLU A 401 19.75 -19.10 -7.32
C GLU A 401 20.09 -19.17 -5.86
N ILE A 402 19.56 -20.18 -5.18
CA ILE A 402 19.89 -20.48 -3.77
C ILE A 402 20.91 -21.61 -3.71
N LEU A 403 21.85 -21.45 -2.82
CA LEU A 403 22.84 -22.50 -2.60
C LEU A 403 22.20 -23.73 -1.97
N PRO A 404 22.59 -24.92 -2.45
CA PRO A 404 22.25 -26.13 -1.68
C PRO A 404 22.75 -26.11 -0.22
N ALA A 405 22.23 -27.05 0.59
CA ALA A 405 22.70 -27.19 1.95
C ALA A 405 23.01 -28.65 2.28
N PHE A 406 24.08 -28.84 3.04
CA PHE A 406 24.39 -30.13 3.65
C PHE A 406 23.65 -30.29 4.96
N THR A 407 23.38 -31.54 5.33
CA THR A 407 23.10 -31.83 6.72
C THR A 407 23.92 -33.06 7.14
N GLY A 408 24.15 -33.15 8.44
CA GLY A 408 24.81 -34.28 9.04
C GLY A 408 26.34 -34.22 8.97
N ILE A 409 26.92 -33.11 8.55
CA ILE A 409 28.40 -33.04 8.53
C ILE A 409 28.86 -32.45 9.88
N THR A 410 28.89 -33.29 10.89
CA THR A 410 29.12 -32.80 12.21
C THR A 410 30.30 -33.51 12.75
N ASP A 411 31.20 -32.79 13.42
CA ASP A 411 32.32 -33.51 14.01
C ASP A 411 31.81 -34.58 14.95
N THR A 412 32.52 -35.71 15.01
CA THR A 412 32.04 -36.82 15.82
CA THR A 412 32.07 -36.82 15.84
C THR A 412 33.22 -37.60 16.44
N THR A 413 32.98 -38.23 17.59
CA THR A 413 33.97 -39.10 18.23
C THR A 413 33.38 -40.52 18.30
N VAL A 414 34.14 -41.48 17.82
CA VAL A 414 33.72 -42.87 17.80
C VAL A 414 34.77 -43.74 18.50
N VAL A 415 34.34 -44.92 18.92
CA VAL A 415 35.19 -45.80 19.71
C VAL A 415 35.98 -46.72 18.81
N ILE A 416 37.13 -47.11 19.32
CA ILE A 416 38.05 -47.92 18.57
C ILE A 416 37.32 -49.18 18.11
N ASP A 417 37.55 -49.57 16.85
CA ASP A 417 37.00 -50.76 16.18
C ASP A 417 35.51 -50.68 15.88
N SER A 418 34.91 -49.52 16.03
CA SER A 418 33.54 -49.33 15.63
C SER A 418 33.44 -49.26 14.13
N GLU A 419 32.26 -49.50 13.61
CA GLU A 419 32.04 -49.36 12.20
C GLU A 419 31.67 -47.93 11.93
N PHE A 420 32.29 -47.32 10.96
CA PHE A 420 32.01 -45.96 10.61
C PHE A 420 31.75 -45.83 9.12
N ASP A 421 30.58 -45.33 8.81
CA ASP A 421 30.13 -44.99 7.45
C ASP A 421 30.10 -43.47 7.31
N PRO A 422 31.00 -42.90 6.50
CA PRO A 422 31.06 -41.45 6.36
C PRO A 422 29.78 -40.87 5.81
N MET A 423 28.96 -41.70 5.14
CA MET A 423 27.73 -41.16 4.61
C MET A 423 26.52 -41.37 5.53
N GLN A 424 26.67 -42.06 6.63
CA GLN A 424 25.54 -42.28 7.52
C GLN A 424 25.11 -40.95 8.12
N GLY A 425 23.81 -40.67 7.97
CA GLY A 425 23.24 -39.42 8.43
C GLY A 425 23.61 -38.13 7.72
N VAL A 426 24.28 -38.27 6.59
CA VAL A 426 24.68 -37.19 5.71
C VAL A 426 23.74 -37.08 4.50
N SER A 427 23.29 -35.87 4.23
CA SER A 427 22.42 -35.64 3.05
C SER A 427 22.63 -34.21 2.51
N ALA A 428 22.04 -33.90 1.36
CA ALA A 428 22.06 -32.52 0.89
C ALA A 428 20.77 -32.28 0.19
N SER A 429 20.39 -31.01 0.15
CA SER A 429 19.14 -30.65 -0.52
C SER A 429 19.26 -29.29 -1.20
N HIS A 430 18.37 -29.09 -2.15
CA HIS A 430 18.19 -27.82 -2.84
C HIS A 430 16.67 -27.67 -3.11
N PRO A 431 16.13 -26.44 -3.01
CA PRO A 431 14.68 -26.24 -3.11
C PRO A 431 14.11 -26.71 -4.41
N THR A 432 14.86 -26.62 -5.50
CA THR A 432 14.32 -27.03 -6.81
C THR A 432 14.97 -28.33 -7.36
N GLN A 433 16.23 -28.62 -6.99
CA GLN A 433 16.91 -29.77 -7.52
C GLN A 433 16.65 -30.99 -6.61
N GLY A 434 16.07 -30.75 -5.42
CA GLY A 434 15.63 -31.80 -4.54
C GLY A 434 16.72 -32.46 -3.71
N ASP A 435 16.60 -33.77 -3.57
CA ASP A 435 17.53 -34.60 -2.78
C ASP A 435 18.81 -34.77 -3.57
N LEU A 436 19.88 -34.18 -3.06
CA LEU A 436 21.17 -34.23 -3.76
C LEU A 436 22.18 -35.12 -3.05
N THR A 437 21.71 -35.95 -2.13
CA THR A 437 22.62 -36.85 -1.38
C THR A 437 23.49 -37.71 -2.32
N ALA A 438 22.93 -38.15 -3.43
CA ALA A 438 23.71 -39.04 -4.32
C ALA A 438 24.83 -38.31 -5.06
N ASN A 439 24.90 -36.98 -4.88
CA ASN A 439 25.87 -36.15 -5.58
C ASN A 439 27.04 -35.66 -4.66
N ILE A 440 27.07 -36.24 -3.47
CA ILE A 440 28.11 -35.99 -2.48
C ILE A 440 29.24 -37.00 -2.61
N THR A 441 30.49 -36.50 -2.61
CA THR A 441 31.66 -37.38 -2.51
C THR A 441 32.41 -37.08 -1.25
N VAL A 442 33.19 -38.07 -0.85
CA VAL A 442 33.96 -37.98 0.36
C VAL A 442 35.43 -38.16 0.04
N THR A 443 36.24 -37.22 0.50
CA THR A 443 37.74 -37.30 0.39
C THR A 443 38.35 -37.55 1.79
N GLY A 444 39.20 -38.56 1.89
CA GLY A 444 39.65 -39.01 3.18
C GLY A 444 39.00 -40.24 3.71
N GLU A 445 39.68 -40.89 4.67
CA GLU A 445 39.14 -42.08 5.31
C GLU A 445 39.37 -41.98 6.79
N VAL A 446 38.54 -42.74 7.51
CA VAL A 446 38.68 -42.95 8.95
C VAL A 446 39.12 -44.40 9.20
N ASP A 447 40.15 -44.59 10.02
CA ASP A 447 40.61 -45.92 10.36
C ASP A 447 40.26 -46.12 11.83
N THR A 448 39.13 -46.79 12.12
CA THR A 448 38.75 -46.90 13.52
C THR A 448 39.58 -47.92 14.29
N ASN A 449 40.54 -48.60 13.65
CA ASN A 449 41.44 -49.47 14.42
C ASN A 449 42.61 -48.67 15.00
N VAL A 450 42.72 -47.42 14.58
CA VAL A 450 43.89 -46.61 14.98
C VAL A 450 43.45 -45.27 15.63
N VAL A 451 43.80 -45.11 16.91
CA VAL A 451 43.43 -43.91 17.68
C VAL A 451 43.95 -42.68 16.97
N GLY A 452 43.12 -41.67 16.82
CA GLY A 452 43.56 -40.46 16.17
C GLY A 452 42.43 -39.62 15.62
N VAL A 453 42.82 -38.59 14.87
CA VAL A 453 41.92 -37.61 14.31
C VAL A 453 41.97 -37.72 12.76
N TYR A 454 40.81 -37.87 12.14
CA TYR A 454 40.67 -38.11 10.72
C TYR A 454 39.82 -37.00 10.11
N GLU A 455 40.38 -36.31 9.15
CA GLU A 455 39.67 -35.26 8.46
C GLU A 455 38.98 -35.85 7.24
N LEU A 456 37.68 -35.52 7.07
CA LEU A 456 36.96 -35.89 5.87
C LEU A 456 36.53 -34.62 5.16
N THR A 457 36.64 -34.60 3.83
CA THR A 457 36.17 -33.44 3.09
C THR A 457 35.01 -33.88 2.20
N TYR A 458 33.86 -33.29 2.43
CA TYR A 458 32.68 -33.57 1.64
C TYR A 458 32.55 -32.59 0.54
N GLN A 459 32.28 -33.11 -0.67
CA GLN A 459 31.98 -32.22 -1.79
CA GLN A 459 31.99 -32.22 -1.80
C GLN A 459 30.64 -32.58 -2.38
N LEU A 460 29.90 -31.55 -2.72
CA LEU A 460 28.62 -31.65 -3.43
C LEU A 460 28.74 -31.05 -4.81
N PHE A 461 28.35 -31.83 -5.81
CA PHE A 461 28.30 -31.35 -7.18
C PHE A 461 26.87 -31.28 -7.60
N TYR A 462 26.52 -30.19 -8.25
CA TYR A 462 25.12 -29.96 -8.59
C TYR A 462 24.94 -29.03 -9.76
N GLY A 463 23.67 -28.72 -10.06
CA GLY A 463 23.37 -27.89 -11.20
C GLY A 463 23.50 -28.66 -12.50
N GLN A 464 23.29 -27.86 -13.55
CA GLN A 464 23.37 -28.33 -14.90
C GLN A 464 24.78 -28.96 -15.12
N ASP A 465 24.74 -30.22 -15.52
CA ASP A 465 25.99 -30.97 -15.80
C ASP A 465 26.91 -31.10 -14.58
N ASN A 466 26.34 -30.91 -13.40
CA ASN A 466 27.08 -31.02 -12.15
C ASN A 466 28.37 -30.20 -12.13
N GLN A 467 28.32 -29.02 -12.72
CA GLN A 467 29.48 -28.13 -12.81
C GLN A 467 29.52 -27.04 -11.75
N GLN A 468 28.57 -27.03 -10.82
CA GLN A 468 28.74 -26.22 -9.58
C GLN A 468 29.04 -27.16 -8.41
N ASN A 469 29.66 -26.60 -7.40
CA ASN A 469 30.05 -27.42 -6.25
C ASN A 469 30.24 -26.60 -5.00
N MET A 470 30.15 -27.30 -3.89
CA MET A 470 30.38 -26.69 -2.58
C MET A 470 31.00 -27.76 -1.70
N THR A 471 31.61 -27.34 -0.60
CA THR A 471 32.42 -28.27 0.18
CA THR A 471 32.43 -28.27 0.16
C THR A 471 32.29 -27.96 1.64
N ASP A 472 32.47 -29.00 2.46
CA ASP A 472 32.52 -28.80 3.91
C ASP A 472 33.41 -29.88 4.50
N LYS A 473 33.89 -29.64 5.71
CA LYS A 473 34.84 -30.59 6.31
C LYS A 473 34.29 -31.12 7.60
N ARG A 474 34.74 -32.31 7.97
CA ARG A 474 34.32 -32.92 9.21
C ARG A 474 35.56 -33.59 9.88
N ILE A 475 35.61 -33.56 11.19
CA ILE A 475 36.65 -34.23 11.91
C ILE A 475 36.06 -35.39 12.62
N VAL A 476 36.61 -36.57 12.39
CA VAL A 476 36.18 -37.77 13.12
C VAL A 476 37.34 -38.22 14.01
N THR A 477 37.07 -38.31 15.29
CA THR A 477 38.09 -38.68 16.27
C THR A 477 37.80 -40.06 16.79
N VAL A 478 38.83 -40.91 16.74
CA VAL A 478 38.77 -42.31 17.22
C VAL A 478 39.49 -42.38 18.56
N VAL A 479 38.75 -42.81 19.57
CA VAL A 479 39.27 -42.84 20.93
C VAL A 479 39.26 -44.27 21.47
N THR A 480 40.23 -44.59 22.32
CA THR A 480 40.24 -45.94 22.82
C THR A 480 39.18 -46.08 23.90
N ASP A 481 38.73 -47.31 24.05
CA ASP A 481 37.95 -47.75 25.22
C ASP A 481 38.88 -48.26 26.35
N ALA A 482 40.19 -48.22 26.18
CA ALA A 482 41.08 -48.66 27.26
C ALA A 482 41.01 -47.72 28.50
N VAL A 483 40.96 -48.28 29.70
CA VAL A 483 41.00 -47.40 30.87
C VAL A 483 42.43 -47.04 31.15
N SER A 484 42.62 -45.75 31.44
CA SER A 484 43.91 -45.20 31.70
C SER A 484 43.96 -44.72 33.15
N ASP A 485 45.17 -44.53 33.66
CA ASP A 485 45.31 -43.87 34.94
C ASP A 485 44.67 -42.49 34.83
N ASP A 486 44.16 -41.96 35.91
CA ASP A 486 43.37 -40.76 35.79
C ASP A 486 44.20 -39.54 35.35
N ASP A 487 43.58 -38.65 34.59
CA ASP A 487 44.31 -37.45 34.17
C ASP A 487 44.82 -36.70 35.40
N TRP A 488 46.05 -36.21 35.31
CA TRP A 488 46.61 -35.31 36.34
C TRP A 488 45.83 -34.01 36.37
N GLN A 489 45.62 -33.49 37.58
CA GLN A 489 45.09 -32.14 37.80
C GLN A 489 45.99 -31.29 38.70
N VAL A 490 46.06 -30.01 38.38
CA VAL A 490 46.94 -29.08 39.05
C VAL A 490 46.65 -28.91 40.56
N GLY A 491 45.39 -29.05 40.95
CA GLY A 491 45.05 -28.81 42.35
C GLY A 491 44.93 -30.07 43.18
N SER A 492 45.16 -31.21 42.55
CA SER A 492 45.09 -32.50 43.24
C SER A 492 46.39 -32.75 43.99
N THR A 493 46.30 -33.57 45.04
CA THR A 493 47.48 -33.96 45.79
C THR A 493 47.79 -35.42 45.54
N TYR A 494 49.02 -35.72 45.17
CA TYR A 494 49.33 -37.09 44.87
C TYR A 494 50.40 -37.64 45.82
N VAL A 495 50.37 -38.97 45.97
CA VAL A 495 51.23 -39.70 46.91
C VAL A 495 52.27 -40.56 46.17
N LYS A 496 53.47 -40.73 46.72
CA LYS A 496 54.43 -41.64 46.09
C LYS A 496 53.68 -42.90 45.63
N ASP A 497 53.94 -43.33 44.38
CA ASP A 497 53.26 -44.47 43.74
C ASP A 497 51.89 -44.19 43.10
N ASP A 498 51.40 -42.98 43.24
CA ASP A 498 50.14 -42.67 42.61
C ASP A 498 50.44 -42.53 41.13
N LYS A 499 49.55 -42.98 40.26
CA LYS A 499 49.82 -42.82 38.84
C LYS A 499 48.79 -41.96 38.18
N VAL A 500 49.23 -41.12 37.25
CA VAL A 500 48.34 -40.29 36.46
C VAL A 500 48.76 -40.31 35.00
N THR A 501 47.80 -39.90 34.17
CA THR A 501 48.05 -39.67 32.75
C THR A 501 48.25 -38.17 32.52
N HIS A 502 49.20 -37.80 31.66
CA HIS A 502 49.41 -36.39 31.30
C HIS A 502 50.28 -36.28 30.05
N ASN A 503 49.84 -35.47 29.09
CA ASN A 503 50.60 -35.25 27.88
C ASN A 503 51.06 -36.53 27.24
N GLY A 504 50.09 -37.44 27.16
CA GLY A 504 50.26 -38.68 26.45
C GLY A 504 51.02 -39.74 27.20
N ALA A 505 51.48 -39.47 28.43
CA ALA A 505 52.28 -40.47 29.13
C ALA A 505 51.66 -40.76 30.48
N THR A 506 52.05 -41.91 31.04
CA THR A 506 51.71 -42.27 32.41
C THR A 506 52.93 -41.96 33.29
N TRP A 507 52.66 -41.27 34.38
CA TRP A 507 53.68 -40.86 35.30
C TRP A 507 53.35 -41.36 36.70
N THR A 508 54.41 -41.69 37.42
CA THR A 508 54.31 -42.19 38.77
C THR A 508 55.02 -41.19 39.69
N ALA A 509 54.33 -40.81 40.74
CA ALA A 509 54.84 -39.85 41.68
C ALA A 509 55.93 -40.49 42.54
N GLN A 510 57.07 -39.81 42.70
CA GLN A 510 58.19 -40.35 43.52
C GLN A 510 58.09 -39.97 45.00
N TRP A 511 57.33 -38.92 45.29
CA TRP A 511 57.07 -38.43 46.66
C TRP A 511 55.85 -37.47 46.63
N TRP A 512 55.62 -36.73 47.73
CA TRP A 512 54.42 -35.89 47.84
C TRP A 512 54.48 -34.74 46.83
N THR A 513 53.38 -34.47 46.11
CA THR A 513 53.39 -33.36 45.17
C THR A 513 52.00 -32.80 44.94
N LYS A 514 51.94 -31.47 44.82
CA LYS A 514 50.75 -30.72 44.43
C LYS A 514 51.21 -29.61 43.44
N GLY A 515 50.49 -29.45 42.31
CA GLY A 515 50.74 -28.34 41.39
C GLY A 515 52.01 -28.48 40.52
N GLU A 516 52.56 -29.68 40.43
CA GLU A 516 53.71 -29.91 39.57
C GLU A 516 53.28 -30.70 38.38
N GLU A 517 53.50 -30.13 37.20
CA GLU A 517 53.04 -30.74 35.95
C GLU A 517 53.98 -31.86 35.50
N PRO A 518 53.43 -33.08 35.30
CA PRO A 518 54.26 -34.14 34.75
C PRO A 518 54.93 -33.76 33.44
N GLY A 519 56.19 -34.16 33.32
CA GLY A 519 56.95 -33.84 32.13
C GLY A 519 57.78 -32.56 32.25
N THR A 520 57.56 -31.80 33.33
CA THR A 520 58.23 -30.51 33.43
C THR A 520 59.21 -30.53 34.59
N THR A 521 59.33 -31.67 35.26
CA THR A 521 60.10 -31.69 36.51
C THR A 521 61.48 -32.31 36.27
N GLY A 522 61.91 -32.32 35.01
CA GLY A 522 63.27 -32.67 34.66
C GLY A 522 63.62 -34.14 34.77
N GLU A 523 64.92 -34.42 34.76
CA GLU A 523 65.39 -35.79 34.84
C GLU A 523 65.15 -36.41 36.22
N TRP A 524 65.32 -35.59 37.26
CA TRP A 524 65.37 -36.09 38.62
C TRP A 524 64.32 -35.51 39.57
N GLY A 525 63.28 -34.88 39.01
CA GLY A 525 62.17 -34.38 39.80
C GLY A 525 61.11 -35.41 40.22
N VAL A 526 59.92 -34.96 40.61
CA VAL A 526 58.95 -35.84 41.28
C VAL A 526 58.15 -36.78 40.39
N TRP A 527 58.03 -36.47 39.12
CA TRP A 527 57.28 -37.34 38.24
C TRP A 527 58.25 -38.03 37.30
N ARG A 528 58.09 -39.34 37.15
CA ARG A 528 58.95 -40.11 36.26
C ARG A 528 58.12 -41.07 35.44
NA NA B . -31.47 14.71 -10.05
NA NA C . 32.94 -29.01 9.93
NA NA D . 3.97 31.72 0.57
NA NA E . -14.36 16.65 4.70
N GLY F . -13.66 34.99 11.95
CA GLY F . -13.33 35.91 10.88
C GLY F . -14.54 36.15 10.01
O GLY F . -15.63 35.66 10.33
OXT GLY F . -14.47 36.82 8.98
C1 MPD G . -15.52 16.13 12.43
C2 MPD G . -15.61 17.34 11.46
O2 MPD G . -14.20 17.45 11.04
CM MPD G . -16.56 17.02 10.28
C3 MPD G . -16.10 18.58 12.26
C4 MPD G . -16.26 19.88 11.43
O4 MPD G . -17.55 19.94 10.76
C5 MPD G . -16.01 21.13 12.34
N1 IMD H . -21.66 14.92 12.37
C2 IMD H . -22.53 13.91 12.14
N3 IMD H . -23.54 14.00 13.05
C4 IMD H . -23.31 15.08 13.83
C5 IMD H . -22.12 15.65 13.40
CL CL I . -19.88 19.71 11.88
#